data_6XKG
#
_entry.id   6XKG
#
_cell.length_a   133.760
_cell.length_b   65.012
_cell.length_c   92.235
_cell.angle_alpha   90.000
_cell.angle_beta   124.735
_cell.angle_gamma   90.000
#
_symmetry.space_group_name_H-M   'C 1 2 1'
#
loop_
_entity.id
_entity.type
_entity.pdbx_description
1 polymer 'Heparan sulfate glucosamine 3-O-sulfotransferase 3A1'
2 branched '2-deoxy-6-O-sulfo-2-(sulfoamino)-alpha-D-glucopyranose-(1-4)-2-O-sulfo-alpha-L-idopyranuronic acid-(1-4)-2-deoxy-6-O-sulfo-2-(sulfoamino)-alpha-D-glucopyranose-(1-4)-2-O-sulfo-alpha-L-idopyranuronic acid-(1-4)-2-deoxy-6-O-sulfo-2-(sulfoamino)-alpha-D-glucopyranose-(1-4)-beta-D-glucopyranuronic acid'
3 branched '2-acetamido-2-deoxy-6-O-sulfo-alpha-D-glucopyranose-(1-4)-beta-D-glucopyranuronic acid-(1-4)-2-deoxy-6-O-sulfo-2-(sulfoamino)-alpha-D-glucopyranose-(1-4)-2-O-sulfo-alpha-L-idopyranuronic acid-(1-4)-2-deoxy-6-O-sulfo-2-(sulfoamino)-alpha-D-glucopyranose-(1-4)-2-O-sulfo-alpha-L-idopyranuronic acid-(1-4)-2-deoxy-6-O-sulfo-2-(sulfoamino)-alpha-D-glucopyranose-(1-4)-beta-D-glucopyranuronic acid'
4 non-polymer P-NITROPHENOL
5 non-polymer "ADENOSINE-3'-5'-DIPHOSPHATE"
6 non-polymer 'SODIUM ION'
7 non-polymer 1,2-ETHANEDIOL
8 water water
#
_entity_poly.entity_id   1
_entity_poly.type   'polypeptide(L)'
_entity_poly.pdbx_seq_one_letter_code
;GSPNSGTLALLLDEGSKQLPQAIIIGVKKGGTRALLEFLRVHPDVRAVGAEPHFFDRSYDKGLAWYRDLMPRTLDGQITM
EKTPSYFVTREAPARISAMSKDTKLIVVVRDPVTRAISDYTQTLSKRPDIPTFESLTFKNRTAGLIDTSWSAIQIGIYAK
HLEHWLRHFPIRQMLFVSGERLISDPAGELGRVQDFLGLKRIITDKHFYFNKTKGFPCLKKAEGSSRPHCLGKTKGRTHP
EIDREVVRRLREFYRPFNLKFYQMTGHDFGWDG
;
_entity_poly.pdbx_strand_id   B,A
#
# COMPACT_ATOMS: atom_id res chain seq x y z
N LEU A 8 -22.78 -7.22 -15.13
CA LEU A 8 -22.11 -8.51 -14.94
C LEU A 8 -21.11 -8.42 -13.79
N ALA A 9 -20.47 -7.27 -13.63
CA ALA A 9 -19.52 -7.07 -12.54
C ALA A 9 -20.24 -6.73 -11.25
N LEU A 10 -19.63 -7.11 -10.12
CA LEU A 10 -20.14 -6.71 -8.81
C LEU A 10 -19.61 -5.32 -8.48
N LEU A 11 -20.52 -4.39 -8.27
CA LEU A 11 -20.18 -3.03 -7.91
C LEU A 11 -20.32 -2.89 -6.40
N LEU A 12 -19.26 -2.40 -5.76
CA LEU A 12 -19.15 -2.42 -4.31
C LEU A 12 -19.62 -1.12 -3.71
N ASP A 13 -20.10 -1.22 -2.47
CA ASP A 13 -20.26 -0.02 -1.66
C ASP A 13 -18.90 0.63 -1.47
N GLU A 14 -18.82 1.93 -1.72
N GLU A 14 -18.83 1.93 -1.73
CA GLU A 14 -17.60 2.68 -1.45
CA GLU A 14 -17.61 2.69 -1.46
C GLU A 14 -17.72 3.55 -0.21
C GLU A 14 -17.72 3.54 -0.21
N GLY A 15 -18.85 3.49 0.49
CA GLY A 15 -19.02 4.24 1.70
C GLY A 15 -19.52 5.64 1.41
N SER A 16 -19.53 6.44 2.47
CA SER A 16 -19.97 7.82 2.40
C SER A 16 -18.76 8.76 2.38
N LYS A 17 -19.03 10.02 2.06
CA LYS A 17 -18.05 11.08 2.18
C LYS A 17 -18.15 11.67 3.58
N GLN A 18 -17.07 11.54 4.35
CA GLN A 18 -16.95 12.13 5.67
C GLN A 18 -16.16 13.42 5.60
N LEU A 19 -16.46 14.33 6.50
CA LEU A 19 -15.58 15.47 6.71
C LEU A 19 -14.24 14.95 7.24
N PRO A 20 -13.12 15.64 6.93
CA PRO A 20 -11.82 15.10 7.31
C PRO A 20 -11.63 15.11 8.82
N GLN A 21 -11.23 13.95 9.36
CA GLN A 21 -10.92 13.88 10.78
C GLN A 21 -9.52 14.38 11.11
N ALA A 22 -8.65 14.53 10.10
CA ALA A 22 -7.33 15.08 10.33
C ALA A 22 -6.96 15.90 9.11
N ILE A 23 -6.32 17.04 9.35
CA ILE A 23 -5.95 17.97 8.30
C ILE A 23 -4.49 18.35 8.49
N ILE A 24 -3.74 18.33 7.40
CA ILE A 24 -2.38 18.88 7.40
C ILE A 24 -2.53 20.37 7.12
N ILE A 25 -2.35 21.21 8.15
CA ILE A 25 -2.70 22.62 8.08
C ILE A 25 -1.51 23.51 7.76
N GLY A 26 -0.30 22.97 7.64
CA GLY A 26 0.88 23.79 7.41
C GLY A 26 2.12 22.94 7.50
N VAL A 27 3.31 23.52 7.34
CA VAL A 27 3.52 24.90 6.88
C VAL A 27 3.87 24.88 5.40
N LYS A 28 3.68 26.01 4.74
CA LYS A 28 4.07 26.15 3.36
C LYS A 28 5.55 25.79 3.18
N LYS A 29 5.81 24.84 2.29
CA LYS A 29 7.13 24.30 1.95
C LYS A 29 7.73 23.43 3.05
N GLY A 30 6.94 23.04 4.04
CA GLY A 30 7.48 22.21 5.09
C GLY A 30 7.70 20.76 4.70
N GLY A 31 7.01 20.29 3.65
CA GLY A 31 6.94 18.89 3.29
C GLY A 31 5.53 18.35 3.37
N THR A 32 4.53 19.21 3.13
CA THR A 32 3.15 18.78 3.29
C THR A 32 2.73 17.77 2.22
N ARG A 33 3.15 17.96 0.98
CA ARG A 33 2.79 17.01 -0.07
C ARG A 33 3.42 15.65 0.18
N ALA A 34 4.71 15.63 0.52
CA ALA A 34 5.39 14.37 0.83
C ALA A 34 4.66 13.63 1.91
N LEU A 35 4.33 14.30 3.02
CA LEU A 35 3.67 13.57 4.09
C LEU A 35 2.35 12.98 3.63
N LEU A 36 1.51 13.77 2.94
CA LEU A 36 0.21 13.24 2.52
C LEU A 36 0.38 12.09 1.55
N GLU A 37 1.33 12.22 0.62
CA GLU A 37 1.59 11.16 -0.35
C GLU A 37 1.99 9.87 0.34
N PHE A 38 2.82 9.96 1.36
CA PHE A 38 3.24 8.78 2.09
C PHE A 38 2.06 8.16 2.86
N LEU A 39 1.24 9.01 3.48
CA LEU A 39 0.09 8.50 4.23
C LEU A 39 -0.88 7.77 3.33
N ARG A 40 -0.97 8.15 2.05
CA ARG A 40 -1.91 7.50 1.14
C ARG A 40 -1.57 6.04 0.86
N VAL A 41 -0.35 5.59 1.18
CA VAL A 41 -0.01 4.18 1.10
C VAL A 41 -0.86 3.35 2.05
N HIS A 42 -1.29 3.93 3.18
CA HIS A 42 -1.96 3.18 4.23
C HIS A 42 -3.35 2.74 3.79
N PRO A 43 -3.74 1.49 4.05
CA PRO A 43 -5.09 1.05 3.66
C PRO A 43 -6.22 1.83 4.35
N ASP A 44 -5.94 2.48 5.47
CA ASP A 44 -6.97 3.19 6.23
C ASP A 44 -6.94 4.70 6.02
N VAL A 45 -6.26 5.18 4.98
CA VAL A 45 -6.21 6.60 4.66
C VAL A 45 -6.83 6.84 3.29
N ARG A 46 -7.70 7.84 3.21
CA ARG A 46 -8.10 8.38 1.92
C ARG A 46 -7.88 9.87 1.92
N ALA A 47 -7.32 10.39 0.84
CA ALA A 47 -6.94 11.80 0.80
C ALA A 47 -7.52 12.54 -0.40
N VAL A 48 -7.76 13.83 -0.19
CA VAL A 48 -7.97 14.77 -1.28
C VAL A 48 -6.63 15.02 -1.96
N GLY A 49 -6.65 15.17 -3.28
CA GLY A 49 -5.44 15.47 -4.05
C GLY A 49 -5.02 16.92 -3.97
N ALA A 50 -5.60 17.78 -4.82
CA ALA A 50 -5.23 19.19 -4.79
C ALA A 50 -5.61 19.86 -3.47
N GLU A 51 -4.87 20.88 -3.10
CA GLU A 51 -5.15 21.63 -1.88
C GLU A 51 -6.55 22.24 -1.93
N PRO A 52 -7.45 21.93 -0.97
CA PRO A 52 -8.80 22.51 -1.08
C PRO A 52 -8.87 24.01 -0.88
N HIS A 53 -8.05 24.57 0.00
CA HIS A 53 -8.17 25.98 0.37
C HIS A 53 -9.60 26.34 0.74
N PHE A 54 -10.22 25.48 1.55
CA PHE A 54 -11.59 25.75 2.00
C PHE A 54 -11.62 26.77 3.12
N PHE A 55 -10.87 26.54 4.20
CA PHE A 55 -11.01 27.37 5.39
C PHE A 55 -10.36 28.75 5.21
N ASP A 56 -9.58 28.95 4.15
CA ASP A 56 -9.04 30.27 3.85
C ASP A 56 -9.73 30.96 2.67
N ARG A 57 -9.92 30.29 1.53
CA ARG A 57 -10.39 30.96 0.30
C ARG A 57 -11.83 30.66 -0.08
N SER A 58 -12.33 29.44 0.13
CA SER A 58 -13.63 29.05 -0.40
C SER A 58 -14.65 28.77 0.69
N TYR A 59 -14.44 29.32 1.87
CA TYR A 59 -15.29 29.04 3.02
C TYR A 59 -16.75 29.39 2.79
N ASP A 60 -17.02 30.41 1.95
CA ASP A 60 -18.41 30.76 1.65
C ASP A 60 -19.16 29.68 0.90
N LYS A 61 -18.45 28.72 0.30
CA LYS A 61 -19.12 27.61 -0.37
C LYS A 61 -19.80 26.68 0.61
N GLY A 62 -19.40 26.70 1.89
CA GLY A 62 -20.05 25.91 2.92
C GLY A 62 -19.54 24.48 3.04
N LEU A 63 -19.92 23.86 4.16
CA LEU A 63 -19.42 22.53 4.49
C LEU A 63 -20.01 21.41 3.64
N ALA A 64 -21.19 21.58 3.02
CA ALA A 64 -21.63 20.54 2.11
C ALA A 64 -20.72 20.46 0.89
N TRP A 65 -20.30 21.62 0.38
CA TRP A 65 -19.36 21.66 -0.74
C TRP A 65 -18.03 21.03 -0.33
N TYR A 66 -17.56 21.36 0.87
CA TYR A 66 -16.30 20.78 1.35
C TYR A 66 -16.42 19.27 1.51
N ARG A 67 -17.50 18.81 2.13
CA ARG A 67 -17.72 17.38 2.23
C ARG A 67 -17.67 16.72 0.86
N ASP A 68 -18.28 17.35 -0.15
CA ASP A 68 -18.37 16.69 -1.44
C ASP A 68 -17.03 16.63 -2.16
N LEU A 69 -16.05 17.44 -1.73
CA LEU A 69 -14.70 17.35 -2.26
C LEU A 69 -13.97 16.11 -1.75
N MET A 70 -14.43 15.55 -0.65
CA MET A 70 -13.70 14.49 0.02
C MET A 70 -13.81 13.16 -0.74
N PRO A 71 -12.81 12.29 -0.64
CA PRO A 71 -12.99 10.92 -1.09
C PRO A 71 -14.05 10.20 -0.26
N ARG A 72 -14.63 9.16 -0.85
CA ARG A 72 -15.44 8.24 -0.04
C ARG A 72 -14.55 7.38 0.84
N THR A 73 -15.09 6.95 1.97
CA THR A 73 -14.37 6.07 2.87
C THR A 73 -15.26 4.95 3.35
N LEU A 74 -14.63 3.79 3.53
CA LEU A 74 -15.22 2.71 4.31
C LEU A 74 -15.06 2.98 5.81
N ASP A 75 -15.86 2.28 6.61
CA ASP A 75 -15.73 2.38 8.06
C ASP A 75 -14.29 2.17 8.49
N GLY A 76 -13.82 3.06 9.39
CA GLY A 76 -12.49 2.94 9.95
C GLY A 76 -11.42 3.69 9.19
N GLN A 77 -11.68 4.07 7.94
CA GLN A 77 -10.69 4.84 7.20
C GLN A 77 -10.81 6.29 7.61
N ILE A 78 -9.66 6.98 7.60
N ILE A 78 -9.67 6.98 7.59
CA ILE A 78 -9.56 8.40 7.90
CA ILE A 78 -9.59 8.41 7.92
C ILE A 78 -9.56 9.17 6.58
C ILE A 78 -9.50 9.21 6.63
N THR A 79 -10.24 10.30 6.58
CA THR A 79 -10.26 11.24 5.47
C THR A 79 -9.36 12.42 5.79
N MET A 80 -8.49 12.81 4.82
CA MET A 80 -7.52 13.87 5.06
C MET A 80 -7.41 14.79 3.86
N GLU A 81 -6.96 16.02 4.12
CA GLU A 81 -6.53 16.95 3.08
C GLU A 81 -5.36 17.72 3.64
N LYS A 82 -4.60 18.37 2.74
CA LYS A 82 -3.61 19.37 3.16
C LYS A 82 -3.83 20.68 2.42
N THR A 83 -3.78 21.76 3.17
CA THR A 83 -3.71 23.14 2.68
C THR A 83 -2.71 23.90 3.53
N PRO A 84 -1.50 24.19 3.02
CA PRO A 84 -0.47 24.75 3.91
C PRO A 84 -0.79 26.13 4.46
N SER A 85 -1.59 26.94 3.77
CA SER A 85 -1.91 28.27 4.27
C SER A 85 -2.84 28.29 5.47
N TYR A 86 -3.50 27.18 5.81
CA TYR A 86 -4.40 27.24 6.96
C TYR A 86 -3.68 27.74 8.20
N PHE A 87 -2.43 27.31 8.43
CA PHE A 87 -1.72 27.61 9.67
C PHE A 87 -1.61 29.11 9.91
N VAL A 88 -1.48 29.90 8.85
CA VAL A 88 -1.29 31.34 8.96
C VAL A 88 -2.58 32.12 8.69
N THR A 89 -3.71 31.42 8.60
CA THR A 89 -5.00 32.04 8.32
C THR A 89 -5.68 32.33 9.65
N ARG A 90 -5.89 33.61 9.95
CA ARG A 90 -6.34 34.00 11.28
C ARG A 90 -7.67 33.36 11.63
N GLU A 91 -8.57 33.25 10.67
CA GLU A 91 -9.90 32.73 10.93
C GLU A 91 -9.95 31.21 10.97
N ALA A 92 -8.92 30.52 10.47
CA ALA A 92 -9.07 29.08 10.28
C ALA A 92 -9.25 28.30 11.57
N PRO A 93 -8.58 28.60 12.68
CA PRO A 93 -8.79 27.79 13.88
C PRO A 93 -10.24 27.74 14.32
N ALA A 94 -10.90 28.90 14.39
CA ALA A 94 -12.30 28.93 14.78
C ALA A 94 -13.16 28.15 13.81
N ARG A 95 -12.87 28.28 12.52
CA ARG A 95 -13.71 27.65 11.51
C ARG A 95 -13.56 26.14 11.53
N ILE A 96 -12.33 25.64 11.69
CA ILE A 96 -12.13 24.20 11.76
C ILE A 96 -12.75 23.64 13.02
N SER A 97 -12.57 24.32 14.17
CA SER A 97 -13.22 23.87 15.38
C SER A 97 -14.74 23.84 15.24
N ALA A 98 -15.33 24.82 14.53
CA ALA A 98 -16.78 24.82 14.32
C ALA A 98 -17.22 23.60 13.52
N MET A 99 -16.42 23.18 12.54
CA MET A 99 -16.70 21.91 11.87
C MET A 99 -16.63 20.75 12.84
N SER A 100 -15.52 20.62 13.59
CA SER A 100 -15.44 19.67 14.69
C SER A 100 -14.32 20.06 15.63
N LYS A 101 -14.65 20.18 16.91
N LYS A 101 -14.64 20.18 16.91
CA LYS A 101 -13.63 20.47 17.90
CA LYS A 101 -13.61 20.48 17.89
C LYS A 101 -12.64 19.33 18.06
C LYS A 101 -12.62 19.32 18.05
N ASP A 102 -12.97 18.13 17.57
CA ASP A 102 -12.12 16.95 17.72
C ASP A 102 -11.17 16.74 16.55
N THR A 103 -11.16 17.64 15.58
CA THR A 103 -10.27 17.51 14.43
C THR A 103 -8.83 17.44 14.90
N LYS A 104 -8.07 16.52 14.31
CA LYS A 104 -6.63 16.42 14.55
C LYS A 104 -5.93 17.25 13.50
N LEU A 105 -4.83 17.89 13.91
CA LEU A 105 -4.15 18.88 13.10
C LEU A 105 -2.68 18.51 13.00
N ILE A 106 -2.14 18.45 11.79
CA ILE A 106 -0.73 18.15 11.57
C ILE A 106 -0.05 19.37 10.97
N VAL A 107 1.09 19.74 11.52
CA VAL A 107 1.92 20.86 11.05
C VAL A 107 3.29 20.29 10.71
N VAL A 108 3.64 20.26 9.43
CA VAL A 108 4.97 19.84 8.99
C VAL A 108 5.86 21.08 8.98
N VAL A 109 6.80 21.14 9.92
CA VAL A 109 7.63 22.33 10.12
C VAL A 109 9.00 22.08 9.49
N ARG A 110 9.72 23.18 9.29
CA ARG A 110 10.99 23.20 8.57
C ARG A 110 11.79 24.39 9.09
N ASP A 111 13.12 24.24 9.12
CA ASP A 111 13.99 25.37 9.44
C ASP A 111 13.45 26.64 8.80
N PRO A 112 13.03 27.64 9.58
CA PRO A 112 12.44 28.83 8.97
C PRO A 112 13.27 29.48 7.88
N VAL A 113 14.61 29.35 7.95
CA VAL A 113 15.46 29.96 6.93
C VAL A 113 15.38 29.19 5.61
N THR A 114 15.52 27.86 5.64
CA THR A 114 15.38 27.11 4.40
C THR A 114 13.92 27.12 3.91
N ARG A 115 12.96 27.21 4.84
CA ARG A 115 11.56 27.35 4.43
C ARG A 115 11.33 28.63 3.64
N ALA A 116 11.89 29.74 4.12
CA ALA A 116 11.77 31.02 3.42
C ALA A 116 12.43 30.96 2.04
N ILE A 117 13.63 30.37 1.97
CA ILE A 117 14.29 30.25 0.67
C ILE A 117 13.50 29.37 -0.28
N SER A 118 12.94 28.27 0.24
CA SER A 118 12.14 27.39 -0.58
C SER A 118 10.94 28.12 -1.17
N ASP A 119 10.28 28.93 -0.33
CA ASP A 119 9.10 29.70 -0.72
C ASP A 119 9.45 30.68 -1.83
N TYR A 120 10.55 31.39 -1.64
CA TYR A 120 11.08 32.28 -2.67
C TYR A 120 11.42 31.52 -3.94
N THR A 121 12.07 30.36 -3.80
CA THR A 121 12.42 29.57 -4.99
C THR A 121 11.17 29.11 -5.75
N GLN A 122 10.10 28.77 -5.03
CA GLN A 122 8.85 28.44 -5.71
C GLN A 122 8.35 29.61 -6.55
N THR A 123 8.35 30.81 -5.99
CA THR A 123 7.92 31.98 -6.76
C THR A 123 8.84 32.18 -7.96
N LEU A 124 10.14 32.06 -7.75
CA LEU A 124 11.13 32.21 -8.83
C LEU A 124 10.89 31.25 -9.99
N SER A 125 10.54 30.00 -9.70
CA SER A 125 10.26 29.02 -10.74
C SER A 125 9.10 29.43 -11.63
N LYS A 126 8.23 30.32 -11.14
CA LYS A 126 7.08 30.76 -11.91
C LYS A 126 7.24 32.20 -12.39
N ARG A 127 8.16 32.97 -11.82
N ARG A 127 8.16 32.97 -11.82
CA ARG A 127 8.33 34.39 -12.14
CA ARG A 127 8.33 34.39 -12.14
C ARG A 127 9.83 34.69 -12.10
C ARG A 127 9.83 34.70 -12.10
N PRO A 128 10.54 34.52 -13.22
CA PRO A 128 12.01 34.56 -13.16
C PRO A 128 12.65 35.90 -12.79
N ASP A 129 11.95 37.01 -13.02
N ASP A 129 12.00 37.03 -13.05
CA ASP A 129 12.50 38.35 -12.84
CA ASP A 129 12.61 38.33 -12.80
C ASP A 129 12.05 39.01 -11.55
C ASP A 129 12.01 39.01 -11.56
N ILE A 130 11.73 38.22 -10.52
CA ILE A 130 11.33 38.77 -9.23
C ILE A 130 12.54 39.46 -8.62
N PRO A 131 12.37 40.26 -7.57
CA PRO A 131 13.53 40.83 -6.89
C PRO A 131 14.34 39.76 -6.18
N THR A 132 15.55 40.13 -5.76
CA THR A 132 16.43 39.22 -5.05
C THR A 132 15.88 38.88 -3.66
N PHE A 133 16.19 37.65 -3.20
CA PHE A 133 15.84 37.26 -1.84
C PHE A 133 16.42 38.25 -0.83
N GLU A 134 17.67 38.66 -1.06
CA GLU A 134 18.33 39.55 -0.12
C GLU A 134 17.65 40.91 -0.03
N SER A 135 17.16 41.44 -1.15
CA SER A 135 16.48 42.73 -1.10
C SER A 135 15.16 42.61 -0.34
N LEU A 136 14.47 41.49 -0.47
CA LEU A 136 13.20 41.32 0.20
C LEU A 136 13.36 41.08 1.69
N THR A 137 14.54 40.62 2.14
CA THR A 137 14.74 40.26 3.54
C THR A 137 14.68 41.49 4.46
N PHE A 138 15.08 42.66 3.97
CA PHE A 138 15.24 43.83 4.82
C PHE A 138 14.23 44.92 4.50
N LYS A 139 13.71 45.56 5.55
CA LYS A 139 13.07 46.85 5.42
C LYS A 139 14.17 47.86 5.13
N ASN A 140 14.15 48.40 3.90
CA ASN A 140 15.14 49.31 3.30
C ASN A 140 15.85 48.53 2.19
N ARG A 141 15.56 47.23 2.10
CA ARG A 141 15.95 46.35 1.00
C ARG A 141 17.46 46.21 0.87
N THR A 142 18.21 46.54 1.92
CA THR A 142 19.67 46.39 1.89
C THR A 142 20.21 45.79 3.18
N ALA A 143 19.85 46.33 4.34
CA ALA A 143 20.40 45.76 5.57
C ALA A 143 19.70 46.30 6.82
N GLY A 144 20.19 45.82 7.96
CA GLY A 144 19.82 46.24 9.28
C GLY A 144 18.56 45.53 9.74
N LEU A 145 17.44 46.15 9.43
CA LEU A 145 16.16 45.73 9.96
C LEU A 145 15.49 44.75 9.02
N ILE A 146 15.06 43.63 9.57
CA ILE A 146 14.46 42.59 8.77
C ILE A 146 12.97 42.90 8.58
N ASP A 147 12.49 42.68 7.36
CA ASP A 147 11.09 42.92 7.02
C ASP A 147 10.27 41.73 7.49
N THR A 148 9.82 41.79 8.75
CA THR A 148 8.98 40.74 9.30
C THR A 148 7.62 40.68 8.64
N SER A 149 7.22 41.73 7.91
CA SER A 149 5.95 41.72 7.19
C SER A 149 6.03 40.96 5.88
N TRP A 150 7.24 40.67 5.38
CA TRP A 150 7.36 39.87 4.17
C TRP A 150 6.85 38.46 4.46
N SER A 151 5.91 38.00 3.63
CA SER A 151 5.30 36.68 3.82
C SER A 151 6.34 35.58 4.05
N ALA A 152 7.42 35.59 3.27
CA ALA A 152 8.37 34.48 3.36
C ALA A 152 9.01 34.41 4.73
N ILE A 153 9.19 35.55 5.39
CA ILE A 153 9.69 35.57 6.76
C ILE A 153 8.57 35.30 7.78
N GLN A 154 7.42 35.94 7.61
CA GLN A 154 6.33 35.85 8.59
C GLN A 154 5.82 34.41 8.76
N ILE A 155 5.70 33.66 7.66
CA ILE A 155 5.19 32.29 7.73
C ILE A 155 6.05 31.46 8.67
N GLY A 156 7.36 31.76 8.73
CA GLY A 156 8.29 31.00 9.53
C GLY A 156 8.29 31.26 11.01
N ILE A 157 7.53 32.25 11.50
CA ILE A 157 7.46 32.55 12.93
C ILE A 157 6.38 31.66 13.52
N TYR A 158 6.69 30.36 13.62
CA TYR A 158 5.68 29.35 13.93
C TYR A 158 5.00 29.58 15.29
N ALA A 159 5.77 30.04 16.29
CA ALA A 159 5.19 30.27 17.62
C ALA A 159 4.05 31.28 17.57
N LYS A 160 4.17 32.31 16.72
CA LYS A 160 3.14 33.33 16.62
C LYS A 160 1.86 32.73 16.06
N HIS A 161 1.97 31.89 15.04
CA HIS A 161 0.76 31.29 14.48
C HIS A 161 0.20 30.26 15.43
N LEU A 162 1.07 29.52 16.10
CA LEU A 162 0.60 28.47 16.99
C LEU A 162 -0.29 29.01 18.09
N GLU A 163 0.03 30.20 18.61
CA GLU A 163 -0.81 30.81 19.65
C GLU A 163 -2.27 30.86 19.22
N HIS A 164 -2.53 31.24 17.97
CA HIS A 164 -3.90 31.33 17.49
C HIS A 164 -4.60 29.98 17.51
N TRP A 165 -3.87 28.90 17.15
CA TRP A 165 -4.45 27.56 17.14
C TRP A 165 -4.77 27.09 18.55
N LEU A 166 -3.93 27.43 19.52
CA LEU A 166 -4.15 26.93 20.88
C LEU A 166 -5.29 27.63 21.59
N ARG A 167 -5.81 28.74 21.06
CA ARG A 167 -7.04 29.30 21.59
C ARG A 167 -8.26 28.43 21.26
N HIS A 168 -8.13 27.53 20.28
CA HIS A 168 -9.27 26.73 19.83
C HIS A 168 -9.06 25.24 19.86
N PHE A 169 -7.81 24.77 19.98
CA PHE A 169 -7.49 23.35 20.09
C PHE A 169 -6.49 23.08 21.21
N PRO A 170 -6.62 21.96 21.91
CA PRO A 170 -5.55 21.56 22.83
C PRO A 170 -4.37 21.06 22.04
N ILE A 171 -3.17 21.30 22.59
CA ILE A 171 -1.99 20.90 21.84
C ILE A 171 -1.91 19.39 21.64
N ARG A 172 -2.59 18.58 22.46
N ARG A 172 -2.59 18.59 22.46
CA ARG A 172 -2.55 17.14 22.25
CA ARG A 172 -2.58 17.14 22.26
C ARG A 172 -3.24 16.73 20.95
C ARG A 172 -3.25 16.74 20.96
N GLN A 173 -4.05 17.63 20.35
CA GLN A 173 -4.70 17.37 19.07
C GLN A 173 -3.86 17.88 17.90
N MET A 174 -2.63 18.30 18.18
CA MET A 174 -1.71 18.83 17.17
C MET A 174 -0.45 17.98 17.16
N LEU A 175 0.05 17.69 15.96
CA LEU A 175 1.31 16.97 15.79
C LEU A 175 2.25 17.85 14.96
N PHE A 176 3.45 18.07 15.46
CA PHE A 176 4.45 18.87 14.77
C PHE A 176 5.49 17.91 14.21
N VAL A 177 5.46 17.75 12.89
CA VAL A 177 6.29 16.81 12.16
C VAL A 177 7.55 17.53 11.70
N SER A 178 8.69 16.89 11.92
CA SER A 178 9.98 17.45 11.48
C SER A 178 10.14 17.28 9.98
N GLY A 179 10.13 18.39 9.24
CA GLY A 179 10.32 18.30 7.81
C GLY A 179 11.70 17.77 7.46
N GLU A 180 12.70 18.06 8.29
CA GLU A 180 14.02 17.52 8.05
C GLU A 180 14.06 16.01 8.29
N ARG A 181 13.46 15.52 9.39
CA ARG A 181 13.45 14.07 9.60
C ARG A 181 12.55 13.37 8.60
N LEU A 182 11.53 14.04 8.08
CA LEU A 182 10.73 13.41 7.03
C LEU A 182 11.60 13.03 5.84
N ILE A 183 12.68 13.78 5.61
CA ILE A 183 13.63 13.51 4.53
C ILE A 183 14.67 12.48 4.95
N SER A 184 15.26 12.66 6.14
CA SER A 184 16.35 11.77 6.58
C SER A 184 15.86 10.41 7.07
N ASP A 185 14.65 10.34 7.61
CA ASP A 185 14.11 9.11 8.16
C ASP A 185 12.59 9.10 7.98
N PRO A 186 12.12 9.02 6.75
CA PRO A 186 10.66 9.04 6.52
C PRO A 186 9.91 7.98 7.28
N ALA A 187 10.45 6.76 7.39
CA ALA A 187 9.71 5.70 8.09
C ALA A 187 9.56 6.03 9.56
N GLY A 188 10.60 6.58 10.17
CA GLY A 188 10.52 6.92 11.58
C GLY A 188 9.50 8.00 11.83
N GLU A 189 9.51 9.03 11.00
CA GLU A 189 8.54 10.11 11.17
C GLU A 189 7.13 9.60 10.90
N LEU A 190 6.96 8.77 9.87
CA LEU A 190 5.64 8.23 9.61
C LEU A 190 5.17 7.29 10.73
N GLY A 191 6.08 6.63 11.43
CA GLY A 191 5.68 5.90 12.63
C GLY A 191 4.95 6.78 13.63
N ARG A 192 5.53 7.95 13.93
CA ARG A 192 4.92 8.87 14.88
C ARG A 192 3.60 9.43 14.34
N VAL A 193 3.54 9.69 13.04
CA VAL A 193 2.30 10.22 12.47
C VAL A 193 1.20 9.18 12.56
N GLN A 194 1.51 7.94 12.21
CA GLN A 194 0.51 6.88 12.28
C GLN A 194 0.00 6.71 13.72
N ASP A 195 0.91 6.74 14.71
CA ASP A 195 0.48 6.67 16.12
C ASP A 195 -0.51 7.79 16.45
N PHE A 196 -0.18 9.02 16.06
CA PHE A 196 -1.02 10.18 16.34
C PHE A 196 -2.41 10.04 15.74
N LEU A 197 -2.48 9.50 14.52
CA LEU A 197 -3.75 9.33 13.82
C LEU A 197 -4.51 8.10 14.24
N GLY A 198 -3.97 7.29 15.15
CA GLY A 198 -4.61 6.06 15.55
C GLY A 198 -4.58 4.98 14.49
N LEU A 199 -3.64 5.08 13.58
CA LEU A 199 -3.46 4.10 12.52
C LEU A 199 -2.43 3.06 12.94
N LYS A 200 -2.66 1.82 12.55
CA LYS A 200 -1.63 0.80 12.71
C LYS A 200 -0.38 1.24 11.96
N ARG A 201 0.76 1.02 12.58
N ARG A 201 0.80 0.89 12.47
CA ARG A 201 2.04 1.26 11.92
CA ARG A 201 2.07 1.38 11.88
C ARG A 201 2.24 0.28 10.79
C ARG A 201 2.51 0.50 10.69
N ILE A 202 1.78 0.65 9.59
CA ILE A 202 1.97 -0.17 8.39
C ILE A 202 3.05 0.42 7.48
N ILE A 203 2.99 1.72 7.21
CA ILE A 203 4.03 2.39 6.44
C ILE A 203 5.33 2.28 7.20
N THR A 204 6.37 1.74 6.56
CA THR A 204 7.59 1.36 7.25
C THR A 204 8.78 1.52 6.29
N ASP A 205 9.95 1.12 6.76
CA ASP A 205 11.18 1.38 6.01
C ASP A 205 11.10 0.82 4.59
N LYS A 206 10.52 -0.37 4.42
CA LYS A 206 10.52 -1.02 3.11
C LYS A 206 9.66 -0.31 2.08
N HIS A 207 8.81 0.64 2.49
CA HIS A 207 8.04 1.44 1.54
C HIS A 207 8.87 2.49 0.83
N PHE A 208 10.08 2.77 1.28
CA PHE A 208 10.90 3.86 0.78
C PHE A 208 12.21 3.34 0.21
N TYR A 209 12.78 4.14 -0.68
CA TYR A 209 14.17 3.99 -1.10
C TYR A 209 14.71 5.38 -1.37
N PHE A 210 16.03 5.51 -1.40
CA PHE A 210 16.62 6.81 -1.70
C PHE A 210 16.94 6.84 -3.19
N ASN A 211 16.39 7.82 -3.89
CA ASN A 211 16.64 8.00 -5.31
C ASN A 211 17.77 9.02 -5.46
N LYS A 212 18.93 8.54 -5.93
CA LYS A 212 20.13 9.38 -5.98
C LYS A 212 19.98 10.52 -6.99
N THR A 213 19.26 10.28 -8.08
CA THR A 213 19.01 11.34 -9.06
C THR A 213 18.08 12.41 -8.51
N LYS A 214 16.99 11.98 -7.87
CA LYS A 214 16.05 12.92 -7.25
C LYS A 214 16.70 13.65 -6.08
N GLY A 215 17.53 12.97 -5.31
CA GLY A 215 18.14 13.51 -4.13
C GLY A 215 17.28 13.43 -2.88
N PHE A 216 16.23 12.62 -2.90
CA PHE A 216 15.23 12.53 -1.84
C PHE A 216 14.75 11.10 -1.77
N PRO A 217 14.13 10.71 -0.65
CA PRO A 217 13.33 9.47 -0.62
C PRO A 217 12.24 9.47 -1.67
N CYS A 218 11.98 8.29 -2.18
CA CYS A 218 10.85 8.00 -3.04
C CYS A 218 10.13 6.77 -2.51
N LEU A 219 8.89 6.59 -2.97
CA LEU A 219 8.11 5.41 -2.66
C LEU A 219 8.45 4.27 -3.62
N LYS A 220 8.62 3.06 -3.08
CA LYS A 220 8.74 1.90 -3.96
C LYS A 220 7.47 1.66 -4.74
N LYS A 221 6.33 1.86 -4.08
CA LYS A 221 5.00 1.81 -4.68
C LYS A 221 4.18 2.93 -4.08
N ALA A 222 3.46 3.64 -4.93
CA ALA A 222 2.48 4.61 -4.45
C ALA A 222 1.10 3.98 -4.38
N GLU A 223 0.19 4.67 -3.71
CA GLU A 223 -1.21 4.26 -3.67
C GLU A 223 -1.72 3.93 -5.05
N GLY A 224 -1.40 4.76 -6.04
CA GLY A 224 -1.89 4.59 -7.39
C GLY A 224 -0.94 3.96 -8.40
N SER A 225 0.12 3.31 -7.93
CA SER A 225 1.20 2.88 -8.83
C SER A 225 1.85 1.61 -8.31
N SER A 226 1.90 0.54 -9.14
CA SER A 226 2.74 -0.61 -8.84
C SER A 226 4.23 -0.30 -8.94
N ARG A 227 4.59 0.83 -9.54
CA ARG A 227 5.96 1.19 -9.84
C ARG A 227 6.43 2.27 -8.90
N PRO A 228 7.74 2.50 -8.84
CA PRO A 228 8.28 3.53 -7.96
C PRO A 228 7.73 4.93 -8.28
N HIS A 229 7.60 5.75 -7.22
CA HIS A 229 7.01 7.07 -7.35
C HIS A 229 7.86 8.07 -6.57
N CYS A 230 8.44 9.02 -7.29
CA CYS A 230 9.03 10.20 -6.67
C CYS A 230 8.06 11.36 -6.83
N LEU A 231 8.14 12.31 -5.91
CA LEU A 231 7.43 13.55 -6.12
C LEU A 231 7.98 14.24 -7.36
N GLY A 232 7.18 15.15 -7.92
CA GLY A 232 7.44 15.74 -9.21
C GLY A 232 8.40 16.92 -9.17
N LYS A 233 8.45 17.61 -10.33
CA LYS A 233 9.45 18.67 -10.54
C LYS A 233 9.25 19.86 -9.61
N THR A 234 8.07 20.06 -9.06
CA THR A 234 7.86 21.19 -8.16
C THR A 234 8.26 20.85 -6.71
N LYS A 235 8.86 19.67 -6.48
CA LYS A 235 9.23 19.23 -5.15
C LYS A 235 10.70 18.86 -5.12
N GLY A 236 11.48 19.60 -4.34
CA GLY A 236 12.91 19.34 -4.27
C GLY A 236 13.69 20.20 -5.23
N ARG A 237 13.38 21.50 -5.26
CA ARG A 237 14.03 22.43 -6.15
C ARG A 237 15.43 22.79 -5.68
N THR A 238 16.31 23.06 -6.66
CA THR A 238 17.60 23.66 -6.35
C THR A 238 17.41 25.11 -5.94
N HIS A 239 17.77 25.41 -4.71
CA HIS A 239 17.69 26.78 -4.22
C HIS A 239 18.81 27.61 -4.84
N PRO A 240 18.53 28.86 -5.17
CA PRO A 240 19.64 29.76 -5.51
C PRO A 240 20.51 29.96 -4.27
N GLU A 241 21.77 30.31 -4.52
CA GLU A 241 22.67 30.63 -3.42
C GLU A 241 22.27 31.98 -2.85
N ILE A 242 22.20 32.05 -1.53
CA ILE A 242 21.80 33.26 -0.82
C ILE A 242 23.02 33.80 -0.13
N ASP A 243 23.14 35.13 -0.10
CA ASP A 243 24.29 35.72 0.56
C ASP A 243 24.48 35.17 1.97
N ARG A 244 25.72 34.80 2.25
CA ARG A 244 26.05 34.07 3.46
C ARG A 244 25.81 34.89 4.72
N GLU A 245 26.07 36.20 4.65
N GLU A 245 26.08 36.20 4.66
CA GLU A 245 25.84 37.05 5.81
CA GLU A 245 25.84 37.06 5.81
C GLU A 245 24.34 37.30 6.01
C GLU A 245 24.34 37.32 6.02
N VAL A 246 23.58 37.41 4.93
CA VAL A 246 22.13 37.54 5.07
C VAL A 246 21.57 36.31 5.78
N VAL A 247 22.07 35.13 5.42
CA VAL A 247 21.61 33.90 6.08
C VAL A 247 21.92 33.96 7.57
N ARG A 248 23.12 34.38 7.94
CA ARG A 248 23.47 34.46 9.35
C ARG A 248 22.54 35.41 10.09
N ARG A 249 22.21 36.54 9.48
CA ARG A 249 21.32 37.51 10.10
C ARG A 249 19.93 36.92 10.27
N LEU A 250 19.44 36.19 9.27
N LEU A 250 19.45 36.17 9.28
CA LEU A 250 18.12 35.58 9.37
CA LEU A 250 18.12 35.58 9.37
C LEU A 250 18.09 34.50 10.44
C LEU A 250 18.08 34.49 10.43
N ARG A 251 19.14 33.68 10.52
CA ARG A 251 19.21 32.69 11.60
C ARG A 251 19.18 33.39 12.94
N GLU A 252 19.87 34.53 13.08
CA GLU A 252 19.88 35.26 14.33
C GLU A 252 18.50 35.81 14.65
N PHE A 253 17.78 36.28 13.64
CA PHE A 253 16.42 36.77 13.85
C PHE A 253 15.52 35.65 14.34
N TYR A 254 15.60 34.49 13.71
CA TYR A 254 14.64 33.44 14.09
C TYR A 254 14.96 32.75 15.42
N ARG A 255 16.21 32.76 15.89
CA ARG A 255 16.56 31.96 17.06
C ARG A 255 15.61 32.13 18.24
N PRO A 256 15.30 33.33 18.72
CA PRO A 256 14.44 33.40 19.91
C PRO A 256 13.04 32.89 19.65
N PHE A 257 12.52 33.12 18.43
CA PHE A 257 11.21 32.57 18.07
C PHE A 257 11.27 31.06 17.99
N ASN A 258 12.35 30.50 17.45
CA ASN A 258 12.48 29.06 17.40
C ASN A 258 12.49 28.46 18.78
N LEU A 259 13.25 29.06 19.70
CA LEU A 259 13.34 28.53 21.06
C LEU A 259 11.98 28.56 21.74
N LYS A 260 11.19 29.60 21.48
CA LYS A 260 9.84 29.66 22.04
C LYS A 260 8.98 28.55 21.44
N PHE A 261 9.09 28.32 20.14
CA PHE A 261 8.35 27.22 19.52
C PHE A 261 8.76 25.87 20.10
N TYR A 262 10.07 25.64 20.32
CA TYR A 262 10.49 24.40 20.98
C TYR A 262 9.84 24.27 22.34
N GLN A 263 9.80 25.35 23.12
N GLN A 263 9.75 25.36 23.10
CA GLN A 263 9.11 25.34 24.41
CA GLN A 263 9.13 25.31 24.41
C GLN A 263 7.65 24.96 24.26
C GLN A 263 7.63 25.01 24.31
N MET A 264 6.93 25.63 23.35
CA MET A 264 5.49 25.43 23.24
C MET A 264 5.15 24.01 22.85
N THR A 265 5.97 23.40 22.00
CA THR A 265 5.69 22.08 21.45
C THR A 265 6.33 20.95 22.25
N GLY A 266 7.28 21.26 23.14
CA GLY A 266 8.01 20.23 23.86
C GLY A 266 9.08 19.53 23.07
N HIS A 267 9.50 20.08 21.94
CA HIS A 267 10.48 19.42 21.11
C HIS A 267 11.45 20.42 20.46
N ASP A 268 12.74 20.10 20.54
CA ASP A 268 13.78 20.86 19.87
C ASP A 268 13.99 20.27 18.47
N PHE A 269 13.57 21.02 17.45
CA PHE A 269 13.65 20.56 16.07
C PHE A 269 15.03 20.71 15.45
N GLY A 270 16.01 21.24 16.19
CA GLY A 270 17.40 21.16 15.77
C GLY A 270 17.87 22.26 14.85
N TRP A 271 17.08 23.29 14.67
CA TRP A 271 17.43 24.34 13.73
C TRP A 271 18.48 25.30 14.28
N ASP A 272 18.74 25.25 15.58
CA ASP A 272 19.61 26.22 16.24
C ASP A 272 20.75 25.54 16.99
N GLY A 273 21.13 24.35 16.57
CA GLY A 273 22.26 23.66 17.16
C GLY A 273 21.81 22.64 18.17
N GLU B 14 14.95 2.86 -12.75
CA GLU B 14 13.83 2.35 -13.56
C GLU B 14 13.64 0.85 -13.42
N GLY B 15 14.56 0.17 -12.75
CA GLY B 15 14.45 -1.26 -12.55
C GLY B 15 14.82 -2.08 -13.79
N SER B 16 14.95 -3.38 -13.58
CA SER B 16 15.32 -4.29 -14.65
C SER B 16 14.64 -5.63 -14.44
N LYS B 17 14.45 -6.36 -15.54
CA LYS B 17 13.63 -7.56 -15.51
C LYS B 17 14.44 -8.77 -15.04
N GLN B 18 13.98 -9.39 -13.96
CA GLN B 18 14.58 -10.59 -13.38
C GLN B 18 13.72 -11.80 -13.68
N LEU B 19 14.37 -12.94 -13.83
CA LEU B 19 13.63 -14.18 -13.77
C LEU B 19 12.97 -14.29 -12.39
N PRO B 20 11.77 -14.85 -12.28
CA PRO B 20 11.09 -14.86 -10.99
C PRO B 20 11.81 -15.74 -9.99
N GLN B 21 12.02 -15.18 -8.79
CA GLN B 21 12.63 -15.92 -7.69
C GLN B 21 11.64 -16.78 -6.91
N ALA B 22 10.34 -16.55 -7.09
CA ALA B 22 9.31 -17.37 -6.48
C ALA B 22 8.14 -17.48 -7.44
N ILE B 23 7.53 -18.65 -7.45
CA ILE B 23 6.42 -18.97 -8.34
C ILE B 23 5.33 -19.65 -7.53
N ILE B 24 4.10 -19.19 -7.70
CA ILE B 24 2.92 -19.90 -7.22
C ILE B 24 2.57 -20.93 -8.29
N ILE B 25 2.75 -22.21 -7.95
CA ILE B 25 2.69 -23.26 -8.97
C ILE B 25 1.39 -24.05 -8.98
N GLY B 26 0.50 -23.82 -8.04
CA GLY B 26 -0.75 -24.55 -7.97
C GLY B 26 -1.54 -24.15 -6.75
N VAL B 27 -2.69 -24.75 -6.51
CA VAL B 27 -3.35 -25.69 -7.42
C VAL B 27 -4.55 -24.99 -8.04
N LYS B 28 -4.99 -25.50 -9.18
CA LYS B 28 -6.18 -24.97 -9.82
C LYS B 28 -7.36 -24.92 -8.85
N LYS B 29 -7.96 -23.73 -8.71
CA LYS B 29 -9.09 -23.44 -7.82
C LYS B 29 -8.71 -23.45 -6.35
N GLY B 30 -7.43 -23.47 -6.01
CA GLY B 30 -7.04 -23.48 -4.61
C GLY B 30 -7.24 -22.14 -3.92
N GLY B 31 -7.27 -21.05 -4.70
CA GLY B 31 -7.19 -19.70 -4.17
C GLY B 31 -5.98 -18.93 -4.66
N THR B 32 -5.52 -19.22 -5.88
CA THR B 32 -4.26 -18.67 -6.36
C THR B 32 -4.37 -17.22 -6.79
N ARG B 33 -5.49 -16.79 -7.39
CA ARG B 33 -5.64 -15.36 -7.69
C ARG B 33 -5.70 -14.54 -6.41
N ALA B 34 -6.44 -15.03 -5.41
CA ALA B 34 -6.49 -14.34 -4.12
C ALA B 34 -5.08 -14.15 -3.54
N LEU B 35 -4.31 -15.23 -3.50
CA LEU B 35 -2.96 -15.11 -2.92
C LEU B 35 -2.12 -14.08 -3.67
N LEU B 36 -2.10 -14.16 -5.00
CA LEU B 36 -1.27 -13.22 -5.75
C LEU B 36 -1.76 -11.79 -5.58
N GLU B 37 -3.08 -11.59 -5.61
CA GLU B 37 -3.64 -10.25 -5.47
C GLU B 37 -3.26 -9.66 -4.12
N PHE B 38 -3.29 -10.48 -3.08
CA PHE B 38 -2.96 -9.95 -1.77
C PHE B 38 -1.47 -9.67 -1.64
N LEU B 39 -0.64 -10.58 -2.16
CA LEU B 39 0.80 -10.45 -2.03
C LEU B 39 1.31 -9.23 -2.77
N ARG B 40 0.69 -8.88 -3.90
CA ARG B 40 1.22 -7.78 -4.69
C ARG B 40 0.91 -6.42 -4.06
N VAL B 41 0.19 -6.38 -2.92
CA VAL B 41 0.11 -5.18 -2.09
C VAL B 41 1.50 -4.78 -1.54
N HIS B 42 2.37 -5.77 -1.30
CA HIS B 42 3.64 -5.53 -0.64
C HIS B 42 4.55 -4.65 -1.50
N PRO B 43 5.27 -3.70 -0.90
CA PRO B 43 6.15 -2.83 -1.71
C PRO B 43 7.29 -3.57 -2.35
N ASP B 44 7.67 -4.74 -1.82
CA ASP B 44 8.79 -5.51 -2.36
C ASP B 44 8.35 -6.68 -3.25
N VAL B 45 7.12 -6.70 -3.73
CA VAL B 45 6.65 -7.71 -4.68
C VAL B 45 6.27 -7.03 -5.99
N ARG B 46 6.68 -7.64 -7.11
CA ARG B 46 6.19 -7.24 -8.41
C ARG B 46 5.80 -8.48 -9.16
N ALA B 47 4.65 -8.46 -9.81
CA ALA B 47 4.17 -9.66 -10.47
C ALA B 47 3.59 -9.35 -11.85
N VAL B 48 3.42 -10.40 -12.62
CA VAL B 48 2.84 -10.28 -13.95
C VAL B 48 1.32 -10.17 -13.85
N GLY B 49 0.71 -9.68 -14.94
CA GLY B 49 -0.72 -9.48 -15.03
C GLY B 49 -1.51 -10.53 -15.79
N ALA B 50 -0.84 -11.56 -16.30
CA ALA B 50 -1.50 -12.73 -16.89
C ALA B 50 -0.61 -13.92 -16.60
N GLU B 51 -1.24 -15.06 -16.40
CA GLU B 51 -0.51 -16.31 -16.12
C GLU B 51 0.41 -16.66 -17.29
N PRO B 52 1.73 -16.75 -17.08
CA PRO B 52 2.63 -17.04 -18.21
C PRO B 52 2.42 -18.39 -18.89
N HIS B 53 2.09 -19.43 -18.14
CA HIS B 53 2.03 -20.78 -18.71
C HIS B 53 3.31 -21.10 -19.47
N PHE B 54 4.45 -20.77 -18.87
CA PHE B 54 5.73 -20.99 -19.54
C PHE B 54 6.19 -22.43 -19.37
N PHE B 55 6.23 -22.92 -18.14
CA PHE B 55 6.82 -24.22 -17.87
C PHE B 55 5.90 -25.37 -18.27
N ASP B 56 4.62 -25.11 -18.60
CA ASP B 56 3.74 -26.13 -19.17
C ASP B 56 3.51 -25.97 -20.68
N ARG B 57 3.07 -24.80 -21.17
CA ARG B 57 2.66 -24.66 -22.56
C ARG B 57 3.70 -24.07 -23.49
N SER B 58 4.44 -23.07 -23.04
CA SER B 58 5.21 -22.21 -23.93
C SER B 58 6.72 -22.34 -23.69
N TYR B 59 7.16 -23.46 -23.14
CA TYR B 59 8.56 -23.60 -22.74
C TYR B 59 9.49 -23.47 -23.93
N ASP B 60 9.02 -23.93 -25.10
CA ASP B 60 9.83 -23.83 -26.31
C ASP B 60 10.14 -22.39 -26.72
N LYS B 61 9.40 -21.40 -26.19
CA LYS B 61 9.70 -20.02 -26.53
C LYS B 61 11.00 -19.54 -25.88
N GLY B 62 11.48 -20.20 -24.84
CA GLY B 62 12.79 -19.90 -24.28
C GLY B 62 12.73 -18.93 -23.11
N LEU B 63 13.84 -18.92 -22.35
CA LEU B 63 13.90 -18.13 -21.13
C LEU B 63 13.94 -16.63 -21.39
N ALA B 64 14.50 -16.19 -22.53
CA ALA B 64 14.51 -14.75 -22.83
C ALA B 64 13.10 -14.24 -23.00
N TRP B 65 12.26 -15.04 -23.67
CA TRP B 65 10.84 -14.71 -23.82
C TRP B 65 10.17 -14.60 -22.48
N TYR B 66 10.46 -15.55 -21.59
CA TYR B 66 9.90 -15.57 -20.25
C TYR B 66 10.34 -14.36 -19.45
N ARG B 67 11.65 -14.05 -19.46
CA ARG B 67 12.14 -12.88 -18.74
C ARG B 67 11.45 -11.62 -19.24
N ASP B 68 11.22 -11.53 -20.54
CA ASP B 68 10.65 -10.29 -21.10
C ASP B 68 9.23 -10.05 -20.59
N LEU B 69 8.53 -11.09 -20.16
CA LEU B 69 7.20 -10.98 -19.55
C LEU B 69 7.22 -10.28 -18.21
N MET B 70 8.34 -10.30 -17.54
CA MET B 70 8.36 -9.94 -16.15
C MET B 70 8.37 -8.43 -15.98
N PRO B 71 7.85 -7.95 -14.87
CA PRO B 71 7.98 -6.54 -14.52
C PRO B 71 9.42 -6.19 -14.20
N ARG B 72 9.77 -4.93 -14.42
CA ARG B 72 11.02 -4.41 -13.89
C ARG B 72 10.95 -4.35 -12.38
N THR B 73 12.07 -4.65 -11.71
CA THR B 73 12.15 -4.52 -10.26
C THR B 73 13.39 -3.75 -9.85
N LEU B 74 13.26 -3.07 -8.71
CA LEU B 74 14.40 -2.57 -7.96
C LEU B 74 15.04 -3.70 -7.16
N ASP B 75 16.34 -3.55 -6.89
CA ASP B 75 17.03 -4.56 -6.08
C ASP B 75 16.33 -4.72 -4.75
N GLY B 76 16.12 -5.97 -4.32
CA GLY B 76 15.41 -6.27 -3.11
C GLY B 76 13.95 -6.62 -3.31
N GLN B 77 13.35 -6.17 -4.40
CA GLN B 77 12.02 -6.65 -4.71
C GLN B 77 12.09 -8.04 -5.33
N ILE B 78 11.05 -8.84 -5.05
N ILE B 78 11.06 -8.86 -5.03
CA ILE B 78 10.90 -10.19 -5.58
CA ILE B 78 10.93 -10.19 -5.59
C ILE B 78 9.97 -10.15 -6.78
C ILE B 78 9.99 -10.15 -6.79
N THR B 79 10.39 -10.82 -7.86
CA THR B 79 9.58 -11.00 -9.05
C THR B 79 8.84 -12.33 -8.99
N MET B 80 7.53 -12.32 -9.27
CA MET B 80 6.70 -13.50 -9.13
C MET B 80 5.74 -13.67 -10.29
N GLU B 81 5.38 -14.92 -10.56
CA GLU B 81 4.24 -15.25 -11.39
C GLU B 81 3.50 -16.40 -10.75
N LYS B 82 2.26 -16.57 -11.19
CA LYS B 82 1.41 -17.68 -10.79
C LYS B 82 0.88 -18.35 -12.04
N THR B 83 1.04 -19.67 -12.13
CA THR B 83 0.38 -20.49 -13.13
C THR B 83 -0.08 -21.76 -12.42
N PRO B 84 -1.38 -21.99 -12.25
CA PRO B 84 -1.79 -23.04 -11.31
C PRO B 84 -1.61 -24.45 -11.82
N SER B 85 -1.38 -24.62 -13.12
CA SER B 85 -1.22 -25.95 -13.71
C SER B 85 0.19 -26.50 -13.57
N TYR B 86 1.16 -25.67 -13.18
CA TYR B 86 2.52 -26.15 -13.04
C TYR B 86 2.58 -27.38 -12.14
N PHE B 87 1.82 -27.38 -11.04
CA PHE B 87 1.96 -28.41 -10.01
C PHE B 87 1.72 -29.80 -10.58
N VAL B 88 0.82 -29.90 -11.55
CA VAL B 88 0.43 -31.18 -12.13
C VAL B 88 1.06 -31.39 -13.49
N THR B 89 2.05 -30.59 -13.85
CA THR B 89 2.78 -30.74 -15.12
C THR B 89 4.05 -31.54 -14.85
N ARG B 90 4.09 -32.77 -15.38
CA ARG B 90 5.20 -33.68 -15.10
C ARG B 90 6.57 -33.06 -15.39
N GLU B 91 6.68 -32.29 -16.46
CA GLU B 91 7.97 -31.72 -16.83
C GLU B 91 8.33 -30.46 -16.04
N ALA B 92 7.39 -29.88 -15.31
CA ALA B 92 7.70 -28.56 -14.76
C ALA B 92 8.77 -28.56 -13.67
N PRO B 93 8.80 -29.52 -12.74
CA PRO B 93 9.86 -29.48 -11.73
C PRO B 93 11.27 -29.42 -12.32
N ALA B 94 11.57 -30.30 -13.29
CA ALA B 94 12.92 -30.28 -13.85
C ALA B 94 13.23 -28.96 -14.56
N ARG B 95 12.23 -28.40 -15.24
CA ARG B 95 12.44 -27.17 -15.99
C ARG B 95 12.64 -25.98 -15.06
N ILE B 96 11.88 -25.89 -13.96
CA ILE B 96 12.08 -24.78 -13.04
C ILE B 96 13.44 -24.89 -12.37
N SER B 97 13.84 -26.12 -11.96
CA SER B 97 15.15 -26.31 -11.34
C SER B 97 16.26 -25.92 -12.30
N ALA B 98 16.11 -26.26 -13.58
CA ALA B 98 17.12 -25.88 -14.56
C ALA B 98 17.24 -24.36 -14.70
N MET B 99 16.13 -23.63 -14.55
CA MET B 99 16.23 -22.19 -14.49
C MET B 99 16.99 -21.75 -13.26
N SER B 100 16.58 -22.23 -12.08
CA SER B 100 17.36 -22.02 -10.86
C SER B 100 16.93 -23.05 -9.83
N LYS B 101 17.92 -23.80 -9.29
CA LYS B 101 17.60 -24.77 -8.24
C LYS B 101 17.08 -24.08 -6.99
N ASP B 102 17.31 -22.78 -6.84
CA ASP B 102 16.97 -22.05 -5.63
C ASP B 102 15.58 -21.40 -5.69
N THR B 103 14.84 -21.62 -6.76
CA THR B 103 13.50 -21.05 -6.89
C THR B 103 12.63 -21.50 -5.73
N LYS B 104 11.89 -20.55 -5.16
CA LYS B 104 10.92 -20.85 -4.11
C LYS B 104 9.56 -21.09 -4.76
N LEU B 105 8.82 -22.04 -4.20
CA LEU B 105 7.58 -22.51 -4.78
C LEU B 105 6.47 -22.45 -3.74
N ILE B 106 5.30 -21.96 -4.15
CA ILE B 106 4.14 -21.85 -3.30
C ILE B 106 2.99 -22.61 -3.94
N VAL B 107 2.31 -23.43 -3.14
CA VAL B 107 1.15 -24.17 -3.58
C VAL B 107 -0.01 -23.80 -2.65
N VAL B 108 -1.09 -23.29 -3.21
CA VAL B 108 -2.31 -23.03 -2.46
C VAL B 108 -3.19 -24.26 -2.60
N VAL B 109 -3.38 -24.99 -1.50
CA VAL B 109 -4.10 -26.26 -1.53
C VAL B 109 -5.44 -26.10 -0.83
N ARG B 110 -6.43 -26.82 -1.32
CA ARG B 110 -7.80 -26.71 -0.89
C ARG B 110 -8.35 -28.12 -0.72
N ASP B 111 -9.28 -28.26 0.19
CA ASP B 111 -10.07 -29.48 0.35
C ASP B 111 -10.28 -30.12 -1.01
N PRO B 112 -9.67 -31.28 -1.28
CA PRO B 112 -9.81 -31.84 -2.63
C PRO B 112 -11.26 -31.97 -3.12
N VAL B 113 -12.21 -32.22 -2.23
CA VAL B 113 -13.58 -32.37 -2.68
C VAL B 113 -14.16 -31.04 -3.13
N THR B 114 -14.01 -29.96 -2.34
CA THR B 114 -14.53 -28.67 -2.79
C THR B 114 -13.72 -28.15 -3.97
N ARG B 115 -12.42 -28.49 -4.04
CA ARG B 115 -11.64 -28.07 -5.20
C ARG B 115 -12.16 -28.74 -6.48
N ALA B 116 -12.47 -30.03 -6.41
CA ALA B 116 -13.05 -30.73 -7.56
C ALA B 116 -14.39 -30.12 -7.97
N ILE B 117 -15.27 -29.86 -7.01
CA ILE B 117 -16.56 -29.25 -7.34
C ILE B 117 -16.36 -27.85 -7.92
N SER B 118 -15.43 -27.08 -7.36
CA SER B 118 -15.14 -25.75 -7.89
C SER B 118 -14.68 -25.83 -9.35
N ASP B 119 -13.78 -26.76 -9.62
CA ASP B 119 -13.30 -27.00 -10.98
C ASP B 119 -14.46 -27.30 -11.91
N TYR B 120 -15.33 -28.24 -11.51
CA TYR B 120 -16.49 -28.58 -12.33
C TYR B 120 -17.42 -27.38 -12.51
N THR B 121 -17.68 -26.63 -11.44
CA THR B 121 -18.54 -25.46 -11.54
C THR B 121 -18.00 -24.47 -12.57
N GLN B 122 -16.67 -24.28 -12.59
CA GLN B 122 -16.05 -23.40 -13.57
C GLN B 122 -16.32 -23.90 -14.98
N THR B 123 -16.05 -25.18 -15.24
CA THR B 123 -16.28 -25.71 -16.59
C THR B 123 -17.75 -25.60 -16.98
N LEU B 124 -18.65 -25.87 -16.03
CA LEU B 124 -20.08 -25.80 -16.33
C LEU B 124 -20.48 -24.41 -16.79
N SER B 125 -19.94 -23.37 -16.13
CA SER B 125 -20.25 -22.00 -16.54
C SER B 125 -19.80 -21.73 -17.98
N LYS B 126 -18.76 -22.43 -18.45
CA LYS B 126 -18.27 -22.25 -19.82
C LYS B 126 -18.88 -23.23 -20.81
N ARG B 127 -19.44 -24.35 -20.32
CA ARG B 127 -19.93 -25.43 -21.18
C ARG B 127 -21.14 -26.06 -20.49
N PRO B 128 -22.31 -25.45 -20.60
CA PRO B 128 -23.45 -25.85 -19.75
C PRO B 128 -24.11 -27.15 -20.14
N ASP B 129 -23.64 -27.83 -21.18
CA ASP B 129 -24.23 -29.09 -21.62
C ASP B 129 -23.53 -30.31 -21.05
N ILE B 130 -22.37 -30.14 -20.42
CA ILE B 130 -21.55 -31.27 -19.99
C ILE B 130 -22.35 -32.12 -18.99
N PRO B 131 -21.93 -33.36 -18.76
CA PRO B 131 -22.67 -34.21 -17.81
C PRO B 131 -22.64 -33.64 -16.40
N THR B 132 -23.41 -34.29 -15.53
CA THR B 132 -23.44 -33.92 -14.13
C THR B 132 -22.11 -34.27 -13.46
N PHE B 133 -21.87 -33.63 -12.31
CA PHE B 133 -20.69 -33.97 -11.51
C PHE B 133 -20.74 -35.43 -11.06
N GLU B 134 -21.93 -35.89 -10.69
CA GLU B 134 -22.08 -37.26 -10.20
C GLU B 134 -21.69 -38.27 -11.27
N SER B 135 -22.05 -38.01 -12.52
CA SER B 135 -21.67 -38.90 -13.59
C SER B 135 -20.16 -38.93 -13.82
N LEU B 136 -19.55 -37.74 -13.92
CA LEU B 136 -18.12 -37.68 -14.21
C LEU B 136 -17.27 -38.29 -13.10
N THR B 137 -17.77 -38.25 -11.87
CA THR B 137 -17.00 -38.75 -10.74
C THR B 137 -16.65 -40.23 -10.89
N PHE B 138 -17.48 -41.02 -11.59
CA PHE B 138 -17.35 -42.47 -11.58
C PHE B 138 -16.99 -43.04 -12.94
N LYS B 139 -16.03 -43.96 -12.93
CA LYS B 139 -15.85 -44.90 -14.03
C LYS B 139 -17.02 -45.85 -14.13
N ASN B 140 -17.60 -46.19 -12.98
CA ASN B 140 -18.68 -47.17 -12.88
C ASN B 140 -19.45 -46.82 -11.61
N ARG B 141 -20.50 -46.01 -11.77
CA ARG B 141 -21.26 -45.51 -10.62
C ARG B 141 -21.71 -46.66 -9.73
N LEU B 145 -16.75 -47.29 -8.49
CA LEU B 145 -15.39 -47.05 -8.96
C LEU B 145 -15.26 -45.61 -9.41
N ILE B 146 -14.34 -44.88 -8.78
CA ILE B 146 -14.13 -43.46 -9.05
C ILE B 146 -13.17 -43.31 -10.21
N ASP B 147 -13.46 -42.36 -11.10
CA ASP B 147 -12.66 -42.15 -12.30
C ASP B 147 -11.48 -41.25 -11.94
N THR B 148 -10.40 -41.86 -11.48
CA THR B 148 -9.19 -41.14 -11.13
C THR B 148 -8.51 -40.51 -12.34
N SER B 149 -8.92 -40.87 -13.56
CA SER B 149 -8.37 -40.23 -14.75
C SER B 149 -9.03 -38.89 -15.04
N TRP B 150 -10.16 -38.60 -14.42
CA TRP B 150 -10.78 -37.30 -14.59
C TRP B 150 -9.88 -36.25 -13.93
N SER B 151 -9.53 -35.20 -14.70
CA SER B 151 -8.57 -34.21 -14.19
C SER B 151 -9.04 -33.61 -12.88
N ALA B 152 -10.35 -33.41 -12.72
CA ALA B 152 -10.86 -32.76 -11.53
C ALA B 152 -10.59 -33.60 -10.28
N ILE B 153 -10.52 -34.91 -10.44
CA ILE B 153 -10.15 -35.77 -9.32
C ILE B 153 -8.63 -35.86 -9.18
N GLN B 154 -7.92 -36.01 -10.30
CA GLN B 154 -6.47 -36.20 -10.26
C GLN B 154 -5.75 -35.03 -9.62
N ILE B 155 -6.18 -33.80 -9.91
CA ILE B 155 -5.50 -32.61 -9.39
C ILE B 155 -5.46 -32.64 -7.87
N GLY B 156 -6.52 -33.15 -7.25
CA GLY B 156 -6.68 -33.17 -5.79
C GLY B 156 -5.80 -34.15 -5.05
N ILE B 157 -5.10 -35.06 -5.75
CA ILE B 157 -4.25 -36.05 -5.10
C ILE B 157 -2.88 -35.41 -4.85
N TYR B 158 -2.85 -34.44 -3.91
CA TYR B 158 -1.67 -33.58 -3.78
C TYR B 158 -0.40 -34.34 -3.41
N ALA B 159 -0.50 -35.40 -2.61
CA ALA B 159 0.69 -36.13 -2.20
C ALA B 159 1.40 -36.73 -3.40
N LYS B 160 0.65 -37.13 -4.42
CA LYS B 160 1.23 -37.73 -5.62
C LYS B 160 2.04 -36.71 -6.38
N HIS B 161 1.46 -35.52 -6.59
CA HIS B 161 2.18 -34.48 -7.30
C HIS B 161 3.37 -34.01 -6.49
N LEU B 162 3.20 -33.85 -5.17
CA LEU B 162 4.30 -33.41 -4.32
C LEU B 162 5.50 -34.36 -4.41
N GLU B 163 5.24 -35.68 -4.36
CA GLU B 163 6.34 -36.63 -4.51
C GLU B 163 7.20 -36.33 -5.75
N HIS B 164 6.55 -36.02 -6.86
CA HIS B 164 7.28 -35.64 -8.07
C HIS B 164 8.12 -34.39 -7.87
N TRP B 165 7.55 -33.35 -7.25
CA TRP B 165 8.32 -32.12 -7.03
C TRP B 165 9.52 -32.36 -6.11
N LEU B 166 9.40 -33.26 -5.14
CA LEU B 166 10.49 -33.51 -4.21
C LEU B 166 11.67 -34.25 -4.85
N ARG B 167 11.48 -34.80 -6.05
CA ARG B 167 12.64 -35.31 -6.77
C ARG B 167 13.53 -34.18 -7.29
N HIS B 168 13.05 -32.93 -7.28
CA HIS B 168 13.81 -31.82 -7.84
C HIS B 168 13.99 -30.63 -6.90
N PHE B 169 13.22 -30.54 -5.82
CA PHE B 169 13.34 -29.48 -4.87
C PHE B 169 13.29 -30.03 -3.46
N PRO B 170 14.05 -29.46 -2.52
CA PRO B 170 13.84 -29.80 -1.11
C PRO B 170 12.55 -29.18 -0.59
N ILE B 171 11.92 -29.87 0.36
CA ILE B 171 10.63 -29.43 0.88
C ILE B 171 10.72 -28.03 1.48
N ARG B 172 11.88 -27.63 2.00
CA ARG B 172 12.00 -26.33 2.63
C ARG B 172 11.85 -25.19 1.63
N GLN B 173 11.98 -25.48 0.33
CA GLN B 173 11.74 -24.49 -0.72
C GLN B 173 10.30 -24.51 -1.22
N MET B 174 9.42 -25.22 -0.55
CA MET B 174 8.02 -25.33 -0.95
C MET B 174 7.15 -24.91 0.23
N LEU B 175 6.25 -23.97 -0.01
CA LEU B 175 5.32 -23.56 1.03
C LEU B 175 3.92 -23.96 0.60
N PHE B 176 3.19 -24.63 1.49
CA PHE B 176 1.82 -25.03 1.25
C PHE B 176 0.87 -24.14 2.03
N VAL B 177 0.09 -23.33 1.29
CA VAL B 177 -0.85 -22.36 1.84
C VAL B 177 -2.23 -22.98 1.89
N SER B 178 -2.92 -22.83 3.01
CA SER B 178 -4.28 -23.33 3.13
C SER B 178 -5.26 -22.41 2.40
N GLY B 179 -5.97 -22.95 1.41
CA GLY B 179 -7.00 -22.19 0.75
C GLY B 179 -8.12 -21.78 1.69
N GLU B 180 -8.38 -22.62 2.70
CA GLU B 180 -9.41 -22.31 3.67
C GLU B 180 -8.96 -21.23 4.65
N ARG B 181 -7.73 -21.31 5.18
CA ARG B 181 -7.25 -20.24 6.07
C ARG B 181 -7.07 -18.93 5.30
N LEU B 182 -6.75 -19.02 4.00
CA LEU B 182 -6.68 -17.81 3.19
C LEU B 182 -8.01 -17.05 3.20
N ILE B 183 -9.14 -17.76 3.27
CA ILE B 183 -10.44 -17.12 3.35
C ILE B 183 -10.77 -16.69 4.78
N SER B 184 -10.48 -17.52 5.77
N SER B 184 -10.48 -17.54 5.76
CA SER B 184 -10.90 -17.19 7.12
CA SER B 184 -10.84 -17.26 7.17
C SER B 184 -9.95 -16.20 7.80
C SER B 184 -9.95 -16.18 7.76
N ASP B 185 -8.65 -16.23 7.47
CA ASP B 185 -7.68 -15.31 8.05
C ASP B 185 -6.60 -15.04 7.00
N PRO B 186 -6.95 -14.27 5.96
CA PRO B 186 -5.93 -14.00 4.92
C PRO B 186 -4.66 -13.41 5.46
N ALA B 187 -4.71 -12.49 6.45
CA ALA B 187 -3.48 -11.95 6.98
C ALA B 187 -2.63 -13.01 7.64
N GLY B 188 -3.27 -14.01 8.25
CA GLY B 188 -2.52 -15.10 8.84
C GLY B 188 -1.70 -15.85 7.82
N GLU B 189 -2.34 -16.25 6.72
CA GLU B 189 -1.58 -16.94 5.69
C GLU B 189 -0.57 -16.01 5.03
N LEU B 190 -0.93 -14.74 4.81
CA LEU B 190 0.06 -13.85 4.20
C LEU B 190 1.25 -13.61 5.12
N GLY B 191 1.07 -13.74 6.45
CA GLY B 191 2.22 -13.71 7.34
C GLY B 191 3.20 -14.83 7.04
N ARG B 192 2.69 -16.06 6.91
CA ARG B 192 3.55 -17.20 6.61
C ARG B 192 4.20 -17.06 5.25
N VAL B 193 3.47 -16.53 4.26
CA VAL B 193 4.03 -16.35 2.93
C VAL B 193 5.15 -15.33 2.95
N GLN B 194 4.92 -14.19 3.61
CA GLN B 194 5.94 -13.15 3.67
C GLN B 194 7.21 -13.68 4.32
N ASP B 195 7.07 -14.40 5.44
CA ASP B 195 8.23 -15.00 6.10
C ASP B 195 8.99 -15.91 5.15
N PHE B 196 8.26 -16.77 4.44
CA PHE B 196 8.87 -17.76 3.57
C PHE B 196 9.65 -17.10 2.44
N LEU B 197 9.13 -15.98 1.94
CA LEU B 197 9.78 -15.25 0.86
C LEU B 197 10.86 -14.28 1.33
N GLY B 198 11.06 -14.15 2.63
CA GLY B 198 12.04 -13.20 3.15
C GLY B 198 11.60 -11.76 3.12
N LEU B 199 10.31 -11.54 3.04
CA LEU B 199 9.71 -10.22 3.00
C LEU B 199 9.36 -9.78 4.40
N LYS B 200 9.54 -8.49 4.68
CA LYS B 200 9.07 -7.96 5.96
C LYS B 200 7.56 -8.16 6.03
N ARG B 201 7.06 -8.49 7.22
CA ARG B 201 5.61 -8.61 7.38
C ARG B 201 5.01 -7.22 7.34
N ILE B 202 4.40 -6.89 6.22
CA ILE B 202 3.72 -5.62 6.01
C ILE B 202 2.23 -5.83 5.78
N ILE B 203 1.87 -6.77 4.91
CA ILE B 203 0.48 -7.12 4.71
C ILE B 203 -0.06 -7.68 6.00
N THR B 204 -1.14 -7.10 6.50
CA THR B 204 -1.66 -7.37 7.84
C THR B 204 -3.18 -7.31 7.77
N ASP B 205 -3.83 -7.59 8.91
CA ASP B 205 -5.28 -7.68 8.88
C ASP B 205 -5.92 -6.38 8.41
N LYS B 206 -5.33 -5.21 8.74
CA LYS B 206 -5.94 -3.93 8.37
C LYS B 206 -5.94 -3.69 6.87
N HIS B 207 -5.26 -4.53 6.09
CA HIS B 207 -5.37 -4.44 4.63
C HIS B 207 -6.66 -5.00 4.09
N PHE B 208 -7.41 -5.75 4.89
CA PHE B 208 -8.58 -6.50 4.46
C PHE B 208 -9.83 -5.99 5.16
N TYR B 209 -10.96 -6.27 4.53
CA TYR B 209 -12.23 -6.19 5.22
C TYR B 209 -13.11 -7.28 4.65
N PHE B 210 -14.12 -7.68 5.43
CA PHE B 210 -15.02 -8.71 4.95
C PHE B 210 -16.23 -8.04 4.31
N ASN B 211 -16.46 -8.34 3.06
CA ASN B 211 -17.63 -7.82 2.33
C ASN B 211 -18.66 -8.94 2.30
N LYS B 212 -19.74 -8.77 3.06
N LYS B 212 -19.74 -8.77 3.07
CA LYS B 212 -20.72 -9.83 3.24
CA LYS B 212 -20.71 -9.87 3.22
C LYS B 212 -21.53 -10.09 1.96
C LYS B 212 -21.52 -10.09 1.94
N THR B 213 -21.69 -9.05 1.12
CA THR B 213 -22.35 -9.23 -0.16
C THR B 213 -21.51 -10.08 -1.11
N LYS B 214 -20.19 -9.85 -1.10
CA LYS B 214 -19.29 -10.73 -1.85
C LYS B 214 -19.22 -12.11 -1.24
N GLY B 215 -19.19 -12.18 0.10
CA GLY B 215 -19.05 -13.43 0.80
C GLY B 215 -17.63 -13.85 1.07
N PHE B 216 -16.66 -12.94 0.89
CA PHE B 216 -15.24 -13.24 0.99
C PHE B 216 -14.53 -11.99 1.50
N PRO B 217 -13.30 -12.14 1.99
CA PRO B 217 -12.44 -10.96 2.22
C PRO B 217 -12.23 -10.17 0.94
N CYS B 218 -12.12 -8.86 1.10
CA CYS B 218 -11.73 -7.96 0.05
C CYS B 218 -10.58 -7.09 0.57
N LEU B 219 -9.89 -6.43 -0.36
CA LEU B 219 -8.84 -5.49 0.00
C LEU B 219 -9.40 -4.07 0.16
N LYS B 220 -8.99 -3.37 1.22
CA LYS B 220 -9.35 -1.94 1.29
C LYS B 220 -8.77 -1.19 0.11
N LYS B 221 -7.54 -1.56 -0.30
CA LYS B 221 -6.85 -1.03 -1.48
C LYS B 221 -6.10 -2.17 -2.13
N ALA B 222 -6.27 -2.34 -3.44
CA ALA B 222 -5.45 -3.26 -4.20
C ALA B 222 -4.25 -2.49 -4.74
N GLU B 223 -3.26 -3.22 -5.24
CA GLU B 223 -2.12 -2.59 -5.88
C GLU B 223 -2.58 -1.66 -7.01
N GLY B 224 -2.06 -0.43 -6.99
CA GLY B 224 -2.31 0.51 -8.06
C GLY B 224 -3.58 1.33 -7.98
N SER B 225 -4.41 1.14 -6.94
CA SER B 225 -5.65 1.89 -6.85
C SER B 225 -5.96 2.20 -5.40
N SER B 226 -6.52 3.39 -5.19
CA SER B 226 -7.00 3.82 -3.88
C SER B 226 -8.31 3.18 -3.44
N ARG B 227 -9.00 2.44 -4.30
CA ARG B 227 -10.38 2.08 -4.07
C ARG B 227 -10.50 0.65 -3.54
N PRO B 228 -11.61 0.37 -2.84
CA PRO B 228 -11.87 -0.99 -2.37
C PRO B 228 -11.90 -1.97 -3.54
N HIS B 229 -11.42 -3.19 -3.28
CA HIS B 229 -11.29 -4.19 -4.34
C HIS B 229 -11.69 -5.57 -3.85
N CYS B 230 -12.70 -6.14 -4.48
CA CYS B 230 -13.04 -7.55 -4.32
C CYS B 230 -12.66 -8.29 -5.59
N LEU B 231 -12.31 -9.57 -5.45
CA LEU B 231 -12.10 -10.39 -6.63
C LEU B 231 -13.39 -10.49 -7.41
N GLY B 232 -13.27 -10.74 -8.71
CA GLY B 232 -14.40 -10.67 -9.61
C GLY B 232 -15.34 -11.87 -9.51
N LYS B 233 -16.38 -11.81 -10.34
CA LYS B 233 -17.46 -12.79 -10.26
C LYS B 233 -17.00 -14.19 -10.59
N THR B 234 -15.86 -14.34 -11.25
CA THR B 234 -15.33 -15.68 -11.49
C THR B 234 -14.63 -16.27 -10.29
N LYS B 235 -14.51 -15.55 -9.18
CA LYS B 235 -13.79 -16.00 -7.98
C LYS B 235 -14.79 -16.00 -6.83
N GLY B 236 -15.24 -17.19 -6.45
CA GLY B 236 -16.32 -17.31 -5.48
C GLY B 236 -17.65 -17.66 -6.11
N ARG B 237 -17.65 -18.68 -6.97
CA ARG B 237 -18.85 -19.12 -7.66
C ARG B 237 -19.73 -19.98 -6.75
N THR B 238 -21.05 -19.91 -6.97
CA THR B 238 -21.98 -20.75 -6.22
C THR B 238 -21.92 -22.18 -6.75
N HIS B 239 -21.61 -23.12 -5.89
CA HIS B 239 -21.51 -24.50 -6.33
C HIS B 239 -22.91 -25.11 -6.43
N PRO B 240 -23.15 -25.99 -7.40
CA PRO B 240 -24.41 -26.73 -7.41
C PRO B 240 -24.45 -27.75 -6.29
N GLU B 241 -25.66 -28.10 -5.86
CA GLU B 241 -25.82 -29.14 -4.86
C GLU B 241 -25.42 -30.48 -5.48
N ILE B 242 -24.61 -31.24 -4.75
CA ILE B 242 -24.10 -32.53 -5.19
C ILE B 242 -24.75 -33.63 -4.37
N ASP B 243 -25.07 -34.75 -5.01
CA ASP B 243 -25.61 -35.90 -4.31
C ASP B 243 -24.77 -36.22 -3.09
N ARG B 244 -25.40 -36.16 -1.92
CA ARG B 244 -24.68 -36.36 -0.66
C ARG B 244 -23.87 -37.65 -0.67
N GLU B 245 -24.41 -38.69 -1.31
N GLU B 245 -24.39 -38.70 -1.30
CA GLU B 245 -23.72 -39.97 -1.37
CA GLU B 245 -23.65 -39.96 -1.31
C GLU B 245 -22.47 -39.88 -2.22
C GLU B 245 -22.45 -39.90 -2.23
N VAL B 246 -22.54 -39.12 -3.31
CA VAL B 246 -21.36 -38.91 -4.15
C VAL B 246 -20.30 -38.15 -3.37
N VAL B 247 -20.71 -37.12 -2.64
CA VAL B 247 -19.77 -36.36 -1.81
C VAL B 247 -19.13 -37.27 -0.79
N ARG B 248 -19.94 -38.08 -0.10
CA ARG B 248 -19.37 -38.96 0.91
C ARG B 248 -18.36 -39.91 0.28
N ARG B 249 -18.65 -40.41 -0.90
CA ARG B 249 -17.76 -41.35 -1.60
C ARG B 249 -16.44 -40.69 -2.01
N LEU B 250 -16.52 -39.43 -2.37
CA LEU B 250 -15.30 -38.73 -2.77
C LEU B 250 -14.46 -38.36 -1.56
N ARG B 251 -15.07 -37.95 -0.44
CA ARG B 251 -14.26 -37.74 0.77
C ARG B 251 -13.58 -39.02 1.19
N GLU B 252 -14.30 -40.13 1.11
CA GLU B 252 -13.75 -41.45 1.39
C GLU B 252 -12.54 -41.74 0.52
N PHE B 253 -12.63 -41.40 -0.77
CA PHE B 253 -11.53 -41.65 -1.70
C PHE B 253 -10.29 -40.84 -1.32
N TYR B 254 -10.48 -39.55 -1.03
CA TYR B 254 -9.35 -38.68 -0.79
C TYR B 254 -8.71 -38.88 0.59
N ARG B 255 -9.48 -39.35 1.58
CA ARG B 255 -9.08 -39.41 2.98
C ARG B 255 -7.66 -39.94 3.16
N PRO B 256 -7.32 -41.13 2.64
CA PRO B 256 -5.95 -41.64 2.86
C PRO B 256 -4.89 -40.82 2.16
N PHE B 257 -5.22 -40.23 1.01
CA PHE B 257 -4.27 -39.38 0.33
C PHE B 257 -4.04 -38.10 1.13
N ASN B 258 -5.09 -37.57 1.76
CA ASN B 258 -4.93 -36.39 2.61
C ASN B 258 -3.99 -36.67 3.78
N LEU B 259 -4.17 -37.81 4.46
CA LEU B 259 -3.25 -38.12 5.57
C LEU B 259 -1.82 -38.15 5.11
N LYS B 260 -1.57 -38.73 3.95
CA LYS B 260 -0.22 -38.80 3.43
C LYS B 260 0.33 -37.40 3.17
N PHE B 261 -0.50 -36.52 2.62
CA PHE B 261 -0.09 -35.15 2.37
C PHE B 261 0.22 -34.40 3.66
N TYR B 262 -0.60 -34.60 4.70
CA TYR B 262 -0.32 -33.98 5.99
C TYR B 262 1.02 -34.43 6.54
N GLN B 263 1.31 -35.73 6.42
CA GLN B 263 2.58 -36.26 6.91
C GLN B 263 3.78 -35.71 6.13
N MET B 264 3.66 -35.61 4.80
CA MET B 264 4.76 -35.10 3.98
C MET B 264 5.04 -33.63 4.26
N THR B 265 4.01 -32.83 4.49
CA THR B 265 4.17 -31.41 4.72
C THR B 265 4.33 -31.05 6.20
N GLY B 266 4.02 -31.98 7.11
CA GLY B 266 4.09 -31.68 8.52
C GLY B 266 2.95 -30.85 9.04
N HIS B 267 1.83 -30.77 8.32
CA HIS B 267 0.68 -30.01 8.76
C HIS B 267 -0.63 -30.70 8.41
N ASP B 268 -1.54 -30.74 9.38
CA ASP B 268 -2.90 -31.24 9.21
C ASP B 268 -3.80 -30.10 8.73
N PHE B 269 -4.18 -30.12 7.44
CA PHE B 269 -4.95 -29.03 6.89
C PHE B 269 -6.44 -29.10 7.21
N GLY B 270 -6.90 -30.14 7.90
CA GLY B 270 -8.26 -30.13 8.43
C GLY B 270 -9.38 -30.30 7.43
N TRP B 271 -9.14 -30.98 6.30
CA TRP B 271 -10.20 -31.20 5.33
C TRP B 271 -11.13 -32.35 5.77
N ASP B 272 -12.40 -32.28 5.39
CA ASP B 272 -13.34 -33.31 5.85
C ASP B 272 -13.03 -34.68 5.23
N GLY B 273 -13.43 -35.73 5.93
CA GLY B 273 -13.19 -37.09 5.48
C GLY B 273 -14.30 -38.05 5.83
#